data_3FCI
#
_entry.id   3FCI
#
_cell.length_a   43.014
_cell.length_b   68.476
_cell.length_c   69.674
_cell.angle_alpha   90.000
_cell.angle_beta   90.000
_cell.angle_gamma   90.000
#
_symmetry.space_group_name_H-M   'P 21 21 21'
#
loop_
_entity.id
_entity.type
_entity.pdbx_description
1 polymer 'Uracil-DNA glycosylase'
2 non-polymer '3-{(E)-[(3-{[(2,6-dioxo-1,2,3,6-tetrahydropyrimidin-4-yl)methyl]amino}propoxy)imino]methyl}benzoic acid'
3 non-polymer 'SODIUM ION'
4 non-polymer 'THIOCYANATE ION'
5 water water
#
_entity_poly.entity_id   1
_entity_poly.type   'polypeptide(L)'
_entity_poly.pdbx_seq_one_letter_code
;MEFFGESWKKHLSGEFGKPYFIKLMGFVAEERKHYTVYPPPHQVFTWTQMCDIKDVKVVILGQDPYHGPNQAHGLCFSVQ
RPVPPPPSLENIYKELSTDIEDFVHPGHGDLSGWAKQGVLLLNAVLTVRAHQANSHKERGWEQFTDAVVSWLNQNSNGLV
FLLWGSYAQKKGSAIDRKRHHVLQTAHPSPLSVYRGFFGCRHFSKTNELLQKSGKKPIDWKEL
;
_entity_poly.pdbx_strand_id   A
#
# COMPACT_ATOMS: atom_id res chain seq x y z
N MET A 1 20.36 -7.90 3.91
CA MET A 1 19.20 -7.24 3.26
C MET A 1 19.64 -5.99 2.51
N GLU A 2 18.84 -5.58 1.54
CA GLU A 2 19.07 -4.31 0.88
C GLU A 2 17.96 -3.33 1.21
N PHE A 3 18.31 -2.06 1.15
CA PHE A 3 17.43 -0.98 1.49
C PHE A 3 16.23 -0.87 0.54
N PHE A 4 16.42 -1.24 -0.73
CA PHE A 4 15.44 -0.95 -1.80
C PHE A 4 15.57 -2.02 -2.89
N GLY A 5 14.49 -2.76 -3.15
CA GLY A 5 14.52 -3.90 -4.07
C GLY A 5 15.04 -3.54 -5.45
N GLU A 6 15.88 -4.42 -6.01
CA GLU A 6 16.61 -4.13 -7.24
C GLU A 6 15.73 -3.82 -8.45
N SER A 7 14.67 -4.60 -8.66
CA SER A 7 13.86 -4.38 -9.86
C SER A 7 13.13 -3.05 -9.81
N TRP A 8 12.76 -2.64 -8.59
CA TRP A 8 12.09 -1.35 -8.38
C TRP A 8 13.10 -0.22 -8.55
N LYS A 9 14.30 -0.42 -8.02
CA LYS A 9 15.36 0.59 -8.11
C LYS A 9 15.71 0.90 -9.57
N LYS A 10 15.77 -0.12 -10.41
CA LYS A 10 16.08 0.04 -11.81
C LYS A 10 15.13 1.03 -12.50
N HIS A 11 13.85 0.93 -12.17
CA HIS A 11 12.83 1.71 -12.86
C HIS A 11 12.48 3.04 -12.20
N LEU A 12 12.86 3.20 -10.94
CA LEU A 12 12.51 4.41 -10.16
C LEU A 12 13.69 5.33 -9.84
N SER A 13 14.93 4.85 -10.05
CA SER A 13 16.11 5.62 -9.62
C SER A 13 16.28 6.98 -10.33
N GLY A 14 15.60 7.16 -11.45
CA GLY A 14 15.50 8.48 -12.09
C GLY A 14 14.88 9.56 -11.21
N GLU A 15 14.15 9.15 -10.17
CA GLU A 15 13.65 10.08 -9.17
C GLU A 15 14.73 10.55 -8.21
N PHE A 16 15.75 9.71 -7.99
CA PHE A 16 16.59 9.85 -6.78
C PHE A 16 17.45 11.12 -6.73
N GLY A 17 17.86 11.58 -7.90
CA GLY A 17 18.69 12.78 -7.98
C GLY A 17 17.90 14.08 -8.09
N LYS A 18 16.58 13.98 -8.22
CA LYS A 18 15.71 15.17 -8.33
C LYS A 18 15.76 15.94 -7.00
N PRO A 19 15.75 17.29 -7.07
CA PRO A 19 15.82 18.10 -5.85
C PRO A 19 14.85 17.67 -4.76
N TYR A 20 13.60 17.37 -5.11
CA TYR A 20 12.64 17.04 -4.08
C TYR A 20 13.08 15.78 -3.32
N PHE A 21 13.70 14.84 -4.05
CA PHE A 21 14.04 13.57 -3.41
C PHE A 21 15.21 13.71 -2.44
N ILE A 22 16.24 14.45 -2.84
CA ILE A 22 17.38 14.74 -1.97
C ILE A 22 16.89 15.49 -0.72
N LYS A 23 15.99 16.44 -0.91
CA LYS A 23 15.41 17.19 0.19
C LYS A 23 14.63 16.29 1.14
N LEU A 24 13.84 15.39 0.58
CA LEU A 24 13.08 14.43 1.36
C LEU A 24 13.99 13.55 2.21
N MET A 25 15.04 13.01 1.59
CA MET A 25 16.02 12.21 2.32
C MET A 25 16.63 13.00 3.48
N GLY A 26 16.95 14.27 3.25
CA GLY A 26 17.51 15.12 4.29
C GLY A 26 16.51 15.33 5.41
N PHE A 27 15.26 15.57 5.04
CA PHE A 27 14.21 15.78 6.02
C PHE A 27 14.03 14.57 6.93
N VAL A 28 13.87 13.38 6.34
CA VAL A 28 13.66 12.17 7.12
C VAL A 28 14.87 11.91 8.01
N ALA A 29 16.09 12.08 7.49
CA ALA A 29 17.29 11.85 8.30
C ALA A 29 17.33 12.80 9.50
N GLU A 30 16.97 14.06 9.29
CA GLU A 30 16.96 15.02 10.39
C GLU A 30 15.91 14.65 11.44
N GLU A 31 14.72 14.26 10.99
CA GLU A 31 13.68 13.81 11.89
C GLU A 31 14.13 12.64 12.73
N ARG A 32 14.83 11.67 12.12
CA ARG A 32 15.31 10.51 12.86
C ARG A 32 16.31 10.85 13.96
N LYS A 33 16.99 11.99 13.84
CA LYS A 33 17.93 12.43 14.88
C LYS A 33 17.24 12.96 16.13
N HIS A 34 16.01 13.45 15.98
CA HIS A 34 15.29 14.12 17.07
C HIS A 34 14.00 13.45 17.52
N TYR A 35 13.48 12.54 16.69
CA TYR A 35 12.22 11.86 17.01
C TYR A 35 12.34 10.38 16.66
N THR A 36 11.43 9.58 17.21
CA THR A 36 11.21 8.23 16.73
C THR A 36 10.35 8.34 15.45
N VAL A 37 10.87 7.76 14.36
CA VAL A 37 10.19 7.77 13.06
C VAL A 37 9.87 6.33 12.66
N TYR A 38 8.63 6.11 12.20
CA TYR A 38 8.18 4.80 11.77
C TYR A 38 7.92 4.82 10.26
N PRO A 39 8.10 3.69 9.58
CA PRO A 39 8.75 2.48 10.09
C PRO A 39 10.25 2.72 10.25
N PRO A 40 10.98 1.76 10.85
CA PRO A 40 12.43 1.90 10.91
C PRO A 40 13.03 1.90 9.49
N PRO A 41 14.28 2.38 9.34
CA PRO A 41 14.83 2.66 8.00
C PRO A 41 14.81 1.43 7.07
N HIS A 42 15.16 0.25 7.60
CA HIS A 42 15.26 -0.94 6.78
C HIS A 42 13.90 -1.47 6.35
N GLN A 43 12.82 -0.85 6.85
CA GLN A 43 11.46 -1.26 6.47
C GLN A 43 10.67 -0.21 5.69
N VAL A 44 11.25 0.96 5.43
CA VAL A 44 10.52 1.98 4.69
C VAL A 44 10.11 1.45 3.31
N PHE A 45 10.96 0.63 2.69
CA PHE A 45 10.74 0.17 1.32
C PHE A 45 10.37 -1.32 1.23
N THR A 46 9.69 -1.83 2.26
CA THR A 46 9.35 -3.25 2.26
C THR A 46 8.51 -3.62 1.02
N TRP A 47 7.71 -2.66 0.57
CA TRP A 47 6.87 -2.84 -0.60
C TRP A 47 7.66 -3.07 -1.90
N THR A 48 8.98 -2.84 -1.89
CA THR A 48 9.85 -3.13 -3.04
C THR A 48 10.54 -4.49 -2.90
N GLN A 49 10.38 -5.14 -1.74
CA GLN A 49 11.21 -6.34 -1.39
C GLN A 49 10.48 -7.66 -1.56
N MET A 50 9.16 -7.60 -1.72
CA MET A 50 8.31 -8.78 -1.63
C MET A 50 8.04 -9.46 -2.96
N CYS A 51 8.12 -8.70 -4.06
CA CYS A 51 7.95 -9.24 -5.40
C CYS A 51 8.69 -8.34 -6.37
N ASP A 52 8.98 -8.89 -7.54
CA ASP A 52 9.57 -8.14 -8.65
C ASP A 52 8.52 -7.14 -9.16
N ILE A 53 8.96 -5.95 -9.54
CA ILE A 53 8.02 -4.94 -10.01
C ILE A 53 7.20 -5.42 -11.21
N LYS A 54 7.78 -6.27 -12.03
CA LYS A 54 7.09 -6.79 -13.24
C LYS A 54 5.94 -7.71 -12.87
N ASP A 55 5.93 -8.20 -11.64
CA ASP A 55 4.96 -9.21 -11.18
C ASP A 55 3.78 -8.60 -10.41
N VAL A 56 3.73 -7.28 -10.31
CA VAL A 56 2.60 -6.61 -9.66
C VAL A 56 1.31 -6.89 -10.45
N LYS A 57 0.26 -7.24 -9.71
CA LYS A 57 -1.08 -7.50 -10.27
C LYS A 57 -2.14 -6.57 -9.71
N VAL A 58 -2.01 -6.19 -8.43
CA VAL A 58 -3.02 -5.43 -7.72
C VAL A 58 -2.29 -4.32 -6.97
N VAL A 59 -2.88 -3.12 -6.91
CA VAL A 59 -2.27 -2.03 -6.18
C VAL A 59 -3.32 -1.52 -5.20
N ILE A 60 -3.01 -1.61 -3.90
CA ILE A 60 -3.85 -1.03 -2.85
C ILE A 60 -3.14 0.21 -2.33
N LEU A 61 -3.76 1.37 -2.52
CA LEU A 61 -3.17 2.64 -2.11
C LEU A 61 -3.70 3.09 -0.76
N GLY A 62 -2.78 3.29 0.19
CA GLY A 62 -3.08 3.87 1.50
C GLY A 62 -2.53 5.29 1.58
N GLN A 63 -2.61 5.88 2.77
N GLN A 63 -2.64 5.88 2.76
CA GLN A 63 -2.20 7.26 2.96
CA GLN A 63 -2.23 7.26 2.99
C GLN A 63 -0.99 7.43 3.91
C GLN A 63 -0.98 7.31 3.89
N ASP A 64 -1.19 7.12 5.20
CA ASP A 64 -0.17 7.35 6.22
C ASP A 64 0.20 6.02 6.86
N PRO A 65 1.50 5.81 7.20
CA PRO A 65 1.84 4.59 7.96
C PRO A 65 1.24 4.62 9.37
N TYR A 66 1.01 3.44 9.94
CA TYR A 66 0.62 3.40 11.36
C TYR A 66 1.63 4.18 12.19
N HIS A 67 1.16 4.88 13.21
CA HIS A 67 2.07 5.75 14.00
C HIS A 67 2.30 5.25 15.42
N GLY A 68 1.88 4.02 15.71
CA GLY A 68 2.10 3.43 17.04
C GLY A 68 3.30 2.50 17.07
N PRO A 69 3.88 2.26 18.26
CA PRO A 69 5.02 1.37 18.35
C PRO A 69 4.80 0.01 17.67
N ASN A 70 5.80 -0.44 16.92
CA ASN A 70 5.83 -1.79 16.33
C ASN A 70 4.83 -2.06 15.23
N GLN A 71 4.09 -1.03 14.82
CA GLN A 71 3.00 -1.24 13.86
C GLN A 71 3.44 -1.19 12.39
N ALA A 72 3.88 -0.01 11.95
CA ALA A 72 4.22 0.17 10.54
C ALA A 72 5.45 -0.67 10.19
N HIS A 73 5.40 -1.35 9.04
CA HIS A 73 6.58 -2.07 8.53
C HIS A 73 6.76 -1.94 7.01
N GLY A 74 6.11 -0.95 6.39
CA GLY A 74 6.38 -0.64 4.99
C GLY A 74 5.40 -1.25 3.99
N LEU A 75 4.38 -1.94 4.49
CA LEU A 75 3.26 -2.43 3.67
C LEU A 75 2.00 -1.80 4.25
N CYS A 76 1.18 -1.16 3.44
CA CYS A 76 0.00 -0.47 3.97
C CYS A 76 -0.93 -1.46 4.66
N PHE A 77 -1.40 -1.05 5.85
CA PHE A 77 -2.37 -1.77 6.68
C PHE A 77 -1.84 -2.96 7.46
N SER A 78 -0.64 -3.43 7.13
CA SER A 78 -0.09 -4.67 7.66
C SER A 78 0.63 -4.43 8.99
N VAL A 79 0.61 -5.44 9.84
CA VAL A 79 1.42 -5.43 11.06
C VAL A 79 2.09 -6.79 11.26
N GLN A 80 3.39 -6.80 11.55
CA GLN A 80 4.12 -8.04 11.74
C GLN A 80 3.73 -8.69 13.07
N ARG A 81 3.84 -10.01 13.11
CA ARG A 81 3.68 -10.73 14.38
C ARG A 81 4.66 -10.13 15.39
N PRO A 82 4.27 -10.06 16.69
CA PRO A 82 3.03 -10.52 17.32
C PRO A 82 2.01 -9.40 17.52
N VAL A 83 2.09 -8.36 16.68
CA VAL A 83 1.25 -7.15 16.86
C VAL A 83 -0.20 -7.43 16.46
N PRO A 84 -1.17 -7.07 17.32
CA PRO A 84 -2.56 -7.32 16.92
C PRO A 84 -2.99 -6.46 15.72
N PRO A 85 -3.82 -7.01 14.81
CA PRO A 85 -4.36 -6.18 13.72
C PRO A 85 -5.06 -4.95 14.28
N PRO A 86 -4.67 -3.75 13.82
CA PRO A 86 -5.43 -2.54 14.19
C PRO A 86 -6.84 -2.51 13.62
N PRO A 87 -7.68 -1.57 14.08
CA PRO A 87 -9.08 -1.59 13.66
C PRO A 87 -9.30 -1.59 12.14
N SER A 88 -8.50 -0.85 11.38
CA SER A 88 -8.69 -0.83 9.94
C SER A 88 -8.48 -2.22 9.35
N LEU A 89 -7.45 -2.91 9.85
CA LEU A 89 -7.17 -4.25 9.37
C LEU A 89 -8.23 -5.27 9.81
N GLU A 90 -8.72 -5.16 11.05
CA GLU A 90 -9.86 -6.01 11.44
C GLU A 90 -11.04 -5.80 10.48
N ASN A 91 -11.28 -4.56 10.05
CA ASN A 91 -12.37 -4.33 9.10
C ASN A 91 -12.11 -4.95 7.72
N ILE A 92 -10.87 -4.87 7.25
CA ILE A 92 -10.49 -5.52 6.00
C ILE A 92 -10.74 -7.03 6.10
N TYR A 93 -10.33 -7.62 7.22
CA TYR A 93 -10.57 -9.05 7.43
C TYR A 93 -12.05 -9.41 7.53
N LYS A 94 -12.84 -8.54 8.15
CA LYS A 94 -14.28 -8.76 8.24
C LYS A 94 -14.93 -8.76 6.87
N GLU A 95 -14.58 -7.78 6.04
CA GLU A 95 -15.05 -7.78 4.66
C GLU A 95 -14.64 -9.03 3.89
N LEU A 96 -13.38 -9.44 4.05
CA LEU A 96 -12.93 -10.67 3.42
C LEU A 96 -13.75 -11.89 3.84
N SER A 97 -14.10 -11.95 5.11
CA SER A 97 -14.86 -13.10 5.61
C SER A 97 -16.25 -13.22 4.99
N THR A 98 -16.84 -12.10 4.61
CA THR A 98 -18.17 -12.09 3.96
C THR A 98 -18.08 -12.15 2.43
N ASP A 99 -16.97 -11.66 1.89
CA ASP A 99 -16.75 -11.61 0.46
C ASP A 99 -16.27 -12.96 -0.09
N ILE A 100 -15.28 -13.54 0.57
CA ILE A 100 -14.63 -14.78 0.16
C ILE A 100 -15.05 -15.88 1.15
N GLU A 101 -15.85 -16.84 0.69
CA GLU A 101 -16.48 -17.84 1.57
C GLU A 101 -15.50 -18.58 2.49
N ASP A 102 -14.35 -18.96 1.94
CA ASP A 102 -13.38 -19.78 2.64
C ASP A 102 -12.44 -18.99 3.56
N PHE A 103 -12.48 -17.67 3.46
CA PHE A 103 -11.57 -16.84 4.25
C PHE A 103 -11.92 -16.84 5.73
N VAL A 104 -10.93 -17.11 6.57
CA VAL A 104 -11.05 -16.99 8.02
C VAL A 104 -9.91 -16.12 8.56
N HIS A 105 -10.20 -15.30 9.56
CA HIS A 105 -9.20 -14.49 10.24
C HIS A 105 -7.95 -15.31 10.55
N PRO A 106 -6.77 -14.92 9.99
CA PRO A 106 -5.56 -15.74 10.13
C PRO A 106 -4.87 -15.67 11.49
N GLY A 107 -5.37 -14.80 12.35
CA GLY A 107 -4.86 -14.71 13.72
C GLY A 107 -3.60 -13.87 13.86
N HIS A 108 -3.30 -13.11 12.80
CA HIS A 108 -2.19 -12.15 12.78
C HIS A 108 -2.47 -11.15 11.67
N GLY A 109 -1.66 -10.09 11.65
CA GLY A 109 -1.91 -9.00 10.70
C GLY A 109 -0.89 -8.78 9.60
N ASP A 110 -0.06 -9.79 9.35
CA ASP A 110 1.03 -9.63 8.38
C ASP A 110 0.55 -9.94 6.97
N LEU A 111 0.54 -8.92 6.12
CA LEU A 111 0.04 -9.06 4.76
C LEU A 111 1.13 -9.41 3.75
N SER A 112 2.29 -9.82 4.24
CA SER A 112 3.39 -10.21 3.33
C SER A 112 2.94 -11.27 2.32
N GLY A 113 2.06 -12.19 2.72
CA GLY A 113 1.61 -13.24 1.82
C GLY A 113 0.90 -12.69 0.59
N TRP A 114 0.20 -11.55 0.75
CA TRP A 114 -0.41 -10.87 -0.40
C TRP A 114 0.67 -10.16 -1.23
N ALA A 115 1.60 -9.48 -0.56
CA ALA A 115 2.65 -8.76 -1.26
C ALA A 115 3.47 -9.69 -2.18
N LYS A 116 3.76 -10.90 -1.69
CA LYS A 116 4.52 -11.87 -2.46
C LYS A 116 3.79 -12.36 -3.71
N GLN A 117 2.46 -12.23 -3.69
CA GLN A 117 1.62 -12.60 -4.83
C GLN A 117 1.45 -11.44 -5.83
N GLY A 118 2.11 -10.32 -5.58
CA GLY A 118 1.98 -9.18 -6.48
C GLY A 118 0.92 -8.16 -6.07
N VAL A 119 0.50 -8.19 -4.81
CA VAL A 119 -0.36 -7.11 -4.31
C VAL A 119 0.53 -6.04 -3.71
N LEU A 120 0.68 -4.93 -4.43
CA LEU A 120 1.45 -3.79 -3.95
C LEU A 120 0.65 -3.03 -2.91
N LEU A 121 1.21 -2.98 -1.70
CA LEU A 121 0.58 -2.35 -0.55
C LEU A 121 1.28 -1.02 -0.26
N LEU A 122 0.95 0.00 -1.05
CA LEU A 122 1.71 1.26 -1.09
C LEU A 122 0.99 2.39 -0.35
N ASN A 123 1.62 2.96 0.68
CA ASN A 123 1.16 4.21 1.25
C ASN A 123 1.70 5.40 0.44
N ALA A 124 0.91 6.47 0.39
CA ALA A 124 1.35 7.67 -0.31
C ALA A 124 2.53 8.34 0.39
N VAL A 125 2.45 8.33 1.72
CA VAL A 125 3.48 8.89 2.60
C VAL A 125 4.14 7.71 3.31
N LEU A 126 5.47 7.62 3.28
CA LEU A 126 6.15 6.40 3.70
C LEU A 126 6.85 6.43 5.06
N THR A 127 6.80 7.59 5.73
CA THR A 127 7.30 7.70 7.10
C THR A 127 6.34 8.57 7.92
N VAL A 128 6.42 8.47 9.25
CA VAL A 128 5.58 9.24 10.16
C VAL A 128 6.33 9.35 11.49
N ARG A 129 6.23 10.50 12.14
CA ARG A 129 6.74 10.63 13.50
C ARG A 129 5.85 9.85 14.46
N ALA A 130 6.45 9.17 15.43
CA ALA A 130 5.69 8.41 16.41
C ALA A 130 4.59 9.25 17.02
N HIS A 131 3.39 8.68 17.09
CA HIS A 131 2.23 9.26 17.78
C HIS A 131 1.67 10.52 17.12
N GLN A 132 2.14 10.86 15.91
CA GLN A 132 1.70 12.08 15.24
C GLN A 132 1.24 11.80 13.79
N ALA A 133 -0.02 11.42 13.63
CA ALA A 133 -0.58 11.12 12.31
C ALA A 133 -0.30 12.27 11.36
N ASN A 134 0.09 11.93 10.12
CA ASN A 134 0.29 12.91 9.04
C ASN A 134 1.44 13.87 9.27
N SER A 135 2.32 13.58 10.23
CA SER A 135 3.42 14.51 10.50
C SER A 135 4.42 14.69 9.35
N HIS A 136 4.49 13.69 8.47
CA HIS A 136 5.43 13.78 7.34
C HIS A 136 4.71 14.02 6.01
N LYS A 137 3.47 14.47 6.09
CA LYS A 137 2.70 14.79 4.90
C LYS A 137 3.30 15.99 4.16
N GLU A 138 3.28 15.92 2.83
CA GLU A 138 3.73 17.01 1.97
C GLU A 138 5.20 17.43 2.17
N ARG A 139 6.04 16.41 2.39
CA ARG A 139 7.47 16.60 2.55
C ARG A 139 8.27 16.02 1.40
N GLY A 140 7.57 15.49 0.40
CA GLY A 140 8.18 14.92 -0.80
C GLY A 140 7.80 13.48 -1.08
N TRP A 141 7.27 12.73 -0.11
CA TRP A 141 6.87 11.35 -0.38
C TRP A 141 5.81 11.25 -1.47
N GLU A 142 4.86 12.18 -1.47
CA GLU A 142 3.76 12.13 -2.42
C GLU A 142 4.26 12.16 -3.85
N GLN A 143 5.23 13.02 -4.13
CA GLN A 143 5.79 13.07 -5.47
C GLN A 143 6.46 11.74 -5.81
N PHE A 144 7.15 11.13 -4.86
CA PHE A 144 7.81 9.86 -5.14
C PHE A 144 6.80 8.75 -5.37
N THR A 145 5.79 8.62 -4.50
CA THR A 145 4.83 7.55 -4.69
C THR A 145 3.89 7.79 -5.91
N ASP A 146 3.70 9.06 -6.27
CA ASP A 146 3.10 9.40 -7.57
C ASP A 146 3.94 8.83 -8.71
N ALA A 147 5.25 8.90 -8.61
CA ALA A 147 6.12 8.35 -9.66
C ALA A 147 5.99 6.83 -9.74
N VAL A 148 5.77 6.17 -8.61
CA VAL A 148 5.54 4.74 -8.59
C VAL A 148 4.23 4.40 -9.32
N VAL A 149 3.16 5.10 -8.96
CA VAL A 149 1.85 4.86 -9.58
C VAL A 149 1.93 5.15 -11.08
N SER A 150 2.61 6.25 -11.44
CA SER A 150 2.75 6.61 -12.84
C SER A 150 3.54 5.55 -13.62
N TRP A 151 4.61 5.03 -13.04
CA TRP A 151 5.41 4.00 -13.72
C TRP A 151 4.55 2.77 -14.02
N LEU A 152 3.85 2.29 -12.99
CA LEU A 152 2.94 1.16 -13.18
C LEU A 152 1.85 1.45 -14.21
N ASN A 153 1.27 2.65 -14.14
CA ASN A 153 0.26 3.06 -15.12
C ASN A 153 0.77 2.90 -16.56
N GLN A 154 2.01 3.32 -16.81
CA GLN A 154 2.55 3.39 -18.16
C GLN A 154 3.36 2.17 -18.60
N ASN A 155 3.69 1.27 -17.66
CA ASN A 155 4.62 0.18 -17.98
C ASN A 155 4.12 -1.21 -17.65
N SER A 156 2.83 -1.30 -17.36
CA SER A 156 2.20 -2.60 -17.11
C SER A 156 0.79 -2.50 -17.65
N ASN A 157 0.03 -3.59 -17.63
CA ASN A 157 -1.36 -3.54 -18.13
C ASN A 157 -2.27 -4.47 -17.36
N GLY A 158 -3.54 -4.09 -17.28
CA GLY A 158 -4.54 -4.96 -16.68
C GLY A 158 -4.43 -5.09 -15.16
N LEU A 159 -3.73 -4.16 -14.52
CA LEU A 159 -3.69 -4.16 -13.04
C LEU A 159 -5.05 -3.83 -12.49
N VAL A 160 -5.27 -4.22 -11.25
CA VAL A 160 -6.44 -3.78 -10.49
C VAL A 160 -5.97 -2.82 -9.42
N PHE A 161 -6.42 -1.58 -9.52
CA PHE A 161 -6.15 -0.56 -8.50
C PHE A 161 -7.35 -0.47 -7.56
N LEU A 162 -7.10 -0.63 -6.26
CA LEU A 162 -8.13 -0.50 -5.23
C LEU A 162 -7.88 0.80 -4.46
N LEU A 163 -8.83 1.72 -4.61
CA LEU A 163 -8.77 3.08 -4.05
C LEU A 163 -9.84 3.25 -2.96
N TRP A 164 -9.39 3.19 -1.72
CA TRP A 164 -10.29 3.18 -0.59
C TRP A 164 -10.22 4.54 0.09
N GLY A 165 -11.28 5.33 0.00
CA GLY A 165 -11.32 6.66 0.61
C GLY A 165 -10.81 7.74 -0.33
N SER A 166 -11.09 9.00 0.04
CA SER A 166 -10.85 10.17 -0.82
C SER A 166 -9.39 10.43 -1.21
N TYR A 167 -8.43 10.27 -0.29
N TYR A 167 -8.49 10.19 -0.28
CA TYR A 167 -7.01 10.53 -0.63
CA TYR A 167 -7.11 10.46 -0.50
C TYR A 167 -6.51 9.56 -1.70
C TYR A 167 -6.54 9.56 -1.62
N ALA A 168 -6.84 8.27 -1.55
CA ALA A 168 -6.41 7.27 -2.52
C ALA A 168 -7.12 7.53 -3.85
N GLN A 169 -8.40 7.91 -3.78
CA GLN A 169 -9.13 8.24 -5.00
C GLN A 169 -8.48 9.40 -5.76
N LYS A 170 -8.05 10.43 -5.03
CA LYS A 170 -7.35 11.54 -5.65
C LYS A 170 -6.02 11.07 -6.28
N LYS A 171 -5.30 10.25 -5.53
CA LYS A 171 -3.99 9.76 -5.96
C LYS A 171 -4.08 8.90 -7.20
N GLY A 172 -5.22 8.22 -7.40
CA GLY A 172 -5.41 7.37 -8.57
C GLY A 172 -6.22 7.98 -9.69
N SER A 173 -6.39 9.30 -9.67
CA SER A 173 -7.28 9.99 -10.61
C SER A 173 -6.83 9.87 -12.05
N ALA A 174 -5.53 9.75 -12.28
CA ALA A 174 -4.96 9.73 -13.63
C ALA A 174 -4.67 8.33 -14.15
N ILE A 175 -5.02 7.29 -13.39
CA ILE A 175 -4.87 5.94 -13.89
C ILE A 175 -5.66 5.81 -15.19
N ASP A 176 -5.00 5.26 -16.20
CA ASP A 176 -5.57 5.04 -17.53
C ASP A 176 -6.61 3.93 -17.43
N ARG A 177 -7.88 4.31 -17.47
CA ARG A 177 -8.97 3.35 -17.32
C ARG A 177 -9.26 2.53 -18.59
N LYS A 178 -8.55 2.86 -19.67
CA LYS A 178 -8.55 1.97 -20.84
C LYS A 178 -7.56 0.83 -20.67
N ARG A 179 -6.54 1.04 -19.85
CA ARG A 179 -5.43 0.11 -19.71
C ARG A 179 -5.47 -0.73 -18.42
N HIS A 180 -6.09 -0.19 -17.37
CA HIS A 180 -6.14 -0.83 -16.05
C HIS A 180 -7.54 -0.77 -15.47
N HIS A 181 -7.81 -1.67 -14.50
CA HIS A 181 -9.08 -1.70 -13.79
C HIS A 181 -8.94 -0.86 -12.51
N VAL A 182 -9.99 -0.13 -12.18
CA VAL A 182 -10.01 0.68 -10.96
C VAL A 182 -11.31 0.42 -10.19
N LEU A 183 -11.17 0.10 -8.90
CA LEU A 183 -12.31 -0.01 -8.00
C LEU A 183 -12.11 1.00 -6.88
N GLN A 184 -13.20 1.63 -6.46
CA GLN A 184 -13.20 2.70 -5.47
C GLN A 184 -14.30 2.47 -4.43
N THR A 185 -13.96 2.74 -3.18
CA THR A 185 -14.95 2.70 -2.09
C THR A 185 -14.42 3.53 -0.91
N ALA A 186 -15.13 3.51 0.22
CA ALA A 186 -14.71 4.23 1.42
C ALA A 186 -13.47 3.62 2.09
N HIS A 187 -12.76 4.39 2.90
CA HIS A 187 -11.62 3.90 3.70
C HIS A 187 -12.13 2.88 4.75
N PRO A 188 -11.34 1.81 5.01
CA PRO A 188 -11.75 0.81 6.00
C PRO A 188 -11.66 1.20 7.48
N SER A 189 -11.19 2.41 7.78
CA SER A 189 -11.24 2.93 9.17
C SER A 189 -12.65 2.81 9.73
N PRO A 190 -12.78 2.51 11.05
CA PRO A 190 -14.11 2.47 11.68
C PRO A 190 -15.02 3.68 11.37
N LEU A 191 -14.44 4.87 11.32
CA LEU A 191 -15.24 6.08 11.06
C LEU A 191 -15.87 6.10 9.68
N SER A 192 -15.21 5.46 8.71
CA SER A 192 -15.66 5.45 7.30
C SER A 192 -16.13 4.10 6.76
N VAL A 193 -15.86 3.03 7.51
CA VAL A 193 -16.07 1.68 6.96
C VAL A 193 -17.51 1.40 6.49
N TYR A 194 -18.52 1.96 7.15
CA TYR A 194 -19.90 1.72 6.77
C TYR A 194 -20.43 2.72 5.73
N ARG A 195 -19.53 3.52 5.17
CA ARG A 195 -19.86 4.45 4.08
C ARG A 195 -19.47 3.88 2.71
N GLY A 196 -19.38 2.56 2.63
CA GLY A 196 -19.08 1.89 1.36
C GLY A 196 -18.18 0.66 1.46
N PHE A 197 -17.22 0.68 2.40
CA PHE A 197 -16.25 -0.41 2.45
C PHE A 197 -16.90 -1.75 2.80
N PHE A 198 -17.72 -1.80 3.84
CA PHE A 198 -18.43 -3.04 4.10
C PHE A 198 -19.45 -3.23 2.98
N GLY A 199 -19.35 -4.37 2.31
CA GLY A 199 -20.14 -4.67 1.13
C GLY A 199 -19.48 -4.36 -0.21
N CYS A 200 -18.28 -3.78 -0.19
CA CYS A 200 -17.61 -3.37 -1.45
C CYS A 200 -17.19 -4.59 -2.28
N ARG A 201 -16.93 -5.70 -1.58
CA ARG A 201 -16.56 -6.97 -2.23
C ARG A 201 -15.37 -6.84 -3.20
N HIS A 202 -14.43 -5.97 -2.84
CA HIS A 202 -13.30 -5.69 -3.72
C HIS A 202 -12.42 -6.92 -3.97
N PHE A 203 -12.39 -7.86 -3.05
CA PHE A 203 -11.45 -8.98 -3.17
C PHE A 203 -11.92 -10.00 -4.19
N SER A 204 -13.20 -10.38 -4.14
CA SER A 204 -13.73 -11.24 -5.19
C SER A 204 -13.77 -10.52 -6.53
N LYS A 205 -14.14 -9.23 -6.50
CA LYS A 205 -14.19 -8.44 -7.74
C LYS A 205 -12.82 -8.36 -8.41
N THR A 206 -11.80 -8.17 -7.59
CA THR A 206 -10.43 -8.11 -8.10
C THR A 206 -10.07 -9.40 -8.85
N ASN A 207 -10.43 -10.56 -8.29
CA ASN A 207 -10.08 -11.80 -8.95
C ASN A 207 -10.79 -12.03 -10.27
N GLU A 208 -12.03 -11.57 -10.35
CA GLU A 208 -12.77 -11.63 -11.62
C GLU A 208 -12.12 -10.71 -12.67
N LEU A 209 -11.70 -9.52 -12.26
CA LEU A 209 -11.02 -8.60 -13.16
C LEU A 209 -9.66 -9.14 -13.62
N LEU A 210 -8.92 -9.74 -12.71
CA LEU A 210 -7.65 -10.36 -13.08
C LEU A 210 -7.85 -11.43 -14.15
N GLN A 211 -8.91 -12.22 -14.01
CA GLN A 211 -9.26 -13.18 -15.06
C GLN A 211 -9.51 -12.50 -16.42
N LYS A 212 -10.18 -11.34 -16.42
CA LYS A 212 -10.36 -10.58 -17.67
C LYS A 212 -9.04 -10.07 -18.25
N SER A 213 -8.06 -9.86 -17.39
CA SER A 213 -6.72 -9.46 -17.79
C SER A 213 -5.84 -10.67 -18.20
N GLY A 214 -6.39 -11.88 -18.15
CA GLY A 214 -5.62 -13.10 -18.44
C GLY A 214 -4.55 -13.44 -17.40
N LYS A 215 -4.84 -13.11 -16.15
CA LYS A 215 -3.90 -13.32 -15.05
C LYS A 215 -4.54 -14.21 -14.00
N LYS A 216 -3.70 -14.98 -13.29
CA LYS A 216 -4.18 -15.84 -12.22
C LYS A 216 -4.61 -15.02 -11.01
N PRO A 217 -5.63 -15.48 -10.28
CA PRO A 217 -6.16 -14.69 -9.17
C PRO A 217 -5.25 -14.70 -7.93
N ILE A 218 -5.49 -13.72 -7.06
CA ILE A 218 -4.86 -13.71 -5.74
C ILE A 218 -5.58 -14.71 -4.82
N ASP A 219 -4.80 -15.51 -4.09
CA ASP A 219 -5.36 -16.27 -2.98
C ASP A 219 -5.31 -15.39 -1.73
N TRP A 220 -6.44 -14.74 -1.43
CA TRP A 220 -6.49 -13.82 -0.30
C TRP A 220 -6.26 -14.52 1.04
N LYS A 221 -6.40 -15.85 1.08
CA LYS A 221 -6.18 -16.61 2.32
C LYS A 221 -4.70 -16.92 2.54
N GLU A 222 -3.87 -16.70 1.52
CA GLU A 222 -2.44 -17.04 1.61
C GLU A 222 -1.72 -15.93 2.35
N LEU A 223 -1.76 -16.07 3.67
CA LEU A 223 -1.18 -15.13 4.62
C LEU A 223 -0.36 -15.90 5.64
#